data_2NSY
#
_entry.id   2NSY
#
_cell.length_a   52.480
_cell.length_b   85.620
_cell.length_c   60.120
_cell.angle_alpha   90.00
_cell.angle_beta   110.76
_cell.angle_gamma   90.00
#
_symmetry.space_group_name_H-M   'P 1 21 1'
#
loop_
_entity.id
_entity.type
_entity.pdbx_description
1 polymer 'PROTEIN (NAD SYNTHETASE)'
2 non-polymer 'MAGNESIUM ION'
3 non-polymer 'ADENOSINE MONOPHOSPHATE'
4 non-polymer NICOTINAMIDE-ADENINE-DINUCLEOTIDE
5 non-polymer 'PYROPHOSPHATE 2-'
6 non-polymer GLYCEROL
7 water water
#
_entity_poly.entity_id   1
_entity_poly.type   'polypeptide(L)'
_entity_poly.pdbx_seq_one_letter_code
;SMQEKIMRELHVKPSIDPKQEIEDRVNFLKQYVKKTGAKGFVLGISGGQDSTLAGRLAQLAVESIREEGGDAQFIAVRLP
HGTQQDEDDAQLALKFIKPDKSWKFDIKSTVSAFSDQYQQETGDQLTDFNKGNVKARTRMIAQYAIGGQEGLLVLGTDHA
AEAVTGFFTKYGDGGADLLPLTGLTKRQGRTLLKELGAPERLYLKEPTADLLDEKPQQSDETELGISYDEIDDYLEGKEV
SAKVSEALEKRYSMTEHKRQVPASMFDDWWK
;
_entity_poly.pdbx_strand_id   A,B
#
loop_
_chem_comp.id
_chem_comp.type
_chem_comp.name
_chem_comp.formula
AMP non-polymer 'ADENOSINE MONOPHOSPHATE' 'C10 H14 N5 O7 P'
GOL non-polymer GLYCEROL 'C3 H8 O3'
MG non-polymer 'MAGNESIUM ION' 'Mg 2'
NAD non-polymer NICOTINAMIDE-ADENINE-DINUCLEOTIDE 'C21 H27 N7 O14 P2'
POP non-polymer 'PYROPHOSPHATE 2-' 'H2 O7 P2 -2'
#
# COMPACT_ATOMS: atom_id res chain seq x y z
N SER A 1 -16.67 15.14 -21.99
CA SER A 1 -17.44 14.16 -21.22
C SER A 1 -16.62 13.54 -20.08
N MET A 2 -17.31 12.82 -19.21
CA MET A 2 -16.57 12.10 -18.14
C MET A 2 -15.81 10.95 -18.80
N GLN A 3 -16.28 10.42 -19.90
CA GLN A 3 -15.53 9.38 -20.60
C GLN A 3 -14.16 9.87 -21.01
N GLU A 4 -14.11 11.02 -21.65
CA GLU A 4 -12.88 11.63 -22.10
C GLU A 4 -11.98 11.96 -20.94
N LYS A 5 -12.50 12.41 -19.82
CA LYS A 5 -11.77 12.74 -18.64
C LYS A 5 -11.12 11.45 -18.11
N ILE A 6 -11.88 10.38 -17.95
CA ILE A 6 -11.34 9.13 -17.38
C ILE A 6 -10.30 8.55 -18.32
N MET A 7 -10.49 8.65 -19.63
CA MET A 7 -9.47 8.21 -20.58
C MET A 7 -8.20 8.94 -20.34
N ARG A 8 -8.22 10.27 -20.18
CA ARG A 8 -7.03 11.07 -19.97
C ARG A 8 -6.37 10.72 -18.68
N GLU A 9 -7.15 10.57 -17.60
CA GLU A 9 -6.64 10.30 -16.28
C GLU A 9 -5.95 8.92 -16.24
N LEU A 10 -6.47 7.96 -16.96
CA LEU A 10 -5.91 6.61 -16.94
C LEU A 10 -4.89 6.42 -18.03
N HIS A 11 -4.61 7.46 -18.83
CA HIS A 11 -3.54 7.41 -19.86
C HIS A 11 -3.90 6.54 -20.99
N VAL A 12 -5.11 6.29 -21.47
CA VAL A 12 -5.53 5.39 -22.46
C VAL A 12 -5.57 5.90 -23.92
N LYS A 13 -5.09 5.19 -24.92
CA LYS A 13 -5.27 5.48 -26.35
C LYS A 13 -6.35 4.71 -27.00
N PRO A 14 -7.07 5.32 -27.98
CA PRO A 14 -8.12 4.69 -28.73
C PRO A 14 -7.49 3.66 -29.67
N SER A 15 -6.25 4.16 -29.99
CA SER A 15 -5.26 3.71 -30.92
C SER A 15 -3.75 3.69 -30.46
N ILE A 16 -3.31 2.45 -30.60
CA ILE A 16 -1.90 2.11 -30.34
C ILE A 16 -1.33 1.26 -31.52
N ASP A 17 0.01 1.37 -31.38
CA ASP A 17 0.98 0.60 -32.24
C ASP A 17 1.61 -0.39 -31.26
N PRO A 18 1.41 -1.66 -31.44
CA PRO A 18 1.83 -2.67 -30.46
C PRO A 18 3.33 -2.72 -30.30
N LYS A 19 4.13 -2.62 -31.37
CA LYS A 19 5.56 -2.69 -31.24
C LYS A 19 6.06 -1.48 -30.49
N GLN A 20 5.51 -0.28 -30.76
CA GLN A 20 5.94 0.89 -30.05
C GLN A 20 5.58 0.79 -28.55
N GLU A 21 4.38 0.26 -28.27
CA GLU A 21 3.98 0.11 -26.85
C GLU A 21 4.99 -0.76 -26.08
N ILE A 22 5.38 -1.87 -26.74
CA ILE A 22 6.40 -2.75 -26.10
C ILE A 22 7.70 -2.07 -25.87
N GLU A 23 8.17 -1.31 -26.91
CA GLU A 23 9.39 -0.56 -26.78
C GLU A 23 9.35 0.46 -25.65
N ASP A 24 8.21 1.20 -25.58
CA ASP A 24 8.06 2.23 -24.60
C ASP A 24 8.08 1.66 -23.15
N ARG A 25 7.43 0.50 -23.01
CA ARG A 25 7.23 -0.08 -21.66
C ARG A 25 8.51 -0.77 -21.18
N VAL A 26 9.20 -1.43 -22.12
CA VAL A 26 10.53 -1.95 -21.79
C VAL A 26 11.47 -0.78 -21.47
N ASN A 27 11.40 0.30 -22.28
CA ASN A 27 12.29 1.44 -22.05
C ASN A 27 12.02 2.11 -20.73
N PHE A 28 10.74 2.15 -20.29
CA PHE A 28 10.42 2.66 -18.98
C PHE A 28 11.04 1.85 -17.86
N LEU A 29 10.92 0.52 -17.96
CA LEU A 29 11.53 -0.35 -16.95
C LEU A 29 13.01 -0.09 -16.90
N LYS A 30 13.70 0.00 -18.04
CA LYS A 30 15.14 0.27 -18.06
C LYS A 30 15.45 1.67 -17.51
N GLN A 31 14.68 2.63 -17.88
CA GLN A 31 14.97 4.00 -17.39
C GLN A 31 14.79 4.07 -15.90
N TYR A 32 13.79 3.40 -15.32
CA TYR A 32 13.49 3.51 -13.90
C TYR A 32 14.64 2.85 -13.18
N VAL A 33 15.11 1.71 -13.65
CA VAL A 33 16.30 1.04 -13.13
C VAL A 33 17.52 1.92 -13.21
N LYS A 34 17.80 2.51 -14.32
CA LYS A 34 18.99 3.36 -14.48
C LYS A 34 18.92 4.57 -13.55
N LYS A 35 17.82 5.28 -13.50
CA LYS A 35 17.65 6.46 -12.66
C LYS A 35 17.90 6.10 -11.22
N THR A 36 17.35 5.05 -10.67
CA THR A 36 17.25 4.72 -9.28
C THR A 36 18.41 3.84 -8.78
N GLY A 37 19.20 3.33 -9.73
CA GLY A 37 20.28 2.41 -9.42
C GLY A 37 19.86 1.04 -8.90
N ALA A 38 18.61 0.70 -9.33
CA ALA A 38 18.01 -0.55 -8.93
C ALA A 38 18.61 -1.73 -9.71
N LYS A 39 18.51 -2.89 -9.14
CA LYS A 39 19.12 -4.12 -9.63
C LYS A 39 18.20 -5.15 -10.32
N GLY A 40 16.91 -4.84 -10.45
CA GLY A 40 15.98 -5.69 -11.17
C GLY A 40 14.64 -5.74 -10.44
N PHE A 41 13.90 -6.79 -10.78
CA PHE A 41 12.49 -6.85 -10.48
C PHE A 41 12.05 -8.19 -9.93
N VAL A 42 10.92 -8.17 -9.20
CA VAL A 42 10.21 -9.38 -8.78
C VAL A 42 8.76 -9.20 -9.18
N LEU A 43 8.10 -10.32 -9.57
CA LEU A 43 6.68 -10.24 -9.88
C LEU A 43 6.04 -11.59 -9.68
N GLY A 44 4.88 -11.60 -9.06
CA GLY A 44 3.99 -12.78 -8.97
C GLY A 44 3.45 -13.15 -10.33
N ILE A 45 3.62 -14.36 -10.78
CA ILE A 45 3.11 -14.88 -12.05
C ILE A 45 1.95 -15.80 -11.79
N SER A 46 0.75 -15.37 -12.09
CA SER A 46 -0.47 -16.09 -11.75
C SER A 46 -0.94 -17.09 -12.75
N GLY A 47 -0.49 -17.01 -13.98
CA GLY A 47 -1.17 -17.71 -15.08
C GLY A 47 -2.26 -16.94 -15.74
N GLY A 48 -2.48 -15.68 -15.37
CA GLY A 48 -3.40 -14.79 -16.05
C GLY A 48 -2.67 -13.90 -17.05
N GLN A 49 -3.46 -13.16 -17.84
CA GLN A 49 -2.92 -12.38 -18.93
C GLN A 49 -1.98 -11.27 -18.47
N ASP A 50 -2.33 -10.60 -17.38
CA ASP A 50 -1.62 -9.35 -17.02
C ASP A 50 -0.22 -9.63 -16.51
N SER A 51 -0.11 -10.61 -15.63
CA SER A 51 1.22 -10.96 -15.13
C SER A 51 2.02 -11.67 -16.20
N THR A 52 1.41 -12.36 -17.15
CA THR A 52 2.15 -12.89 -18.29
C THR A 52 2.84 -11.77 -19.05
N LEU A 53 2.05 -10.75 -19.39
CA LEU A 53 2.54 -9.63 -20.17
C LEU A 53 3.58 -8.82 -19.40
N ALA A 54 3.29 -8.43 -18.18
CA ALA A 54 4.29 -7.69 -17.37
C ALA A 54 5.56 -8.51 -17.15
N GLY A 55 5.40 -9.83 -16.94
CA GLY A 55 6.56 -10.67 -16.75
C GLY A 55 7.44 -10.72 -17.98
N ARG A 56 6.84 -10.87 -19.17
CA ARG A 56 7.68 -10.92 -20.37
C ARG A 56 8.34 -9.59 -20.63
N LEU A 57 7.65 -8.47 -20.39
CA LEU A 57 8.28 -7.18 -20.51
C LEU A 57 9.46 -7.03 -19.56
N ALA A 58 9.28 -7.45 -18.32
CA ALA A 58 10.37 -7.39 -17.34
C ALA A 58 11.59 -8.19 -17.80
N GLN A 59 11.35 -9.40 -18.33
CA GLN A 59 12.47 -10.23 -18.77
C GLN A 59 13.12 -9.62 -19.97
N LEU A 60 12.38 -9.02 -20.90
CA LEU A 60 13.04 -8.34 -22.02
C LEU A 60 13.86 -7.19 -21.53
N ALA A 61 13.36 -6.43 -20.53
CA ALA A 61 14.09 -5.30 -19.99
C ALA A 61 15.42 -5.70 -19.36
N VAL A 62 15.43 -6.77 -18.55
CA VAL A 62 16.68 -7.14 -17.89
C VAL A 62 17.61 -7.73 -18.94
N GLU A 63 17.13 -8.41 -19.96
CA GLU A 63 18.03 -8.94 -21.00
C GLU A 63 18.64 -7.74 -21.68
N SER A 64 17.92 -6.72 -22.01
CA SER A 64 18.46 -5.52 -22.72
C SER A 64 19.44 -4.81 -21.82
N ILE A 65 19.19 -4.61 -20.54
CA ILE A 65 20.16 -4.00 -19.64
C ILE A 65 21.44 -4.80 -19.66
N ARG A 66 21.40 -6.09 -19.59
CA ARG A 66 22.65 -6.88 -19.56
C ARG A 66 23.27 -6.83 -20.93
N GLU A 67 22.60 -6.80 -22.03
CA GLU A 67 23.22 -6.69 -23.37
C GLU A 67 23.98 -5.37 -23.47
N GLU A 68 23.55 -4.37 -22.72
CA GLU A 68 24.18 -3.04 -22.75
C GLU A 68 25.29 -2.93 -21.74
N GLY A 69 25.64 -3.96 -21.03
CA GLY A 69 26.71 -3.95 -20.06
C GLY A 69 26.33 -3.63 -18.65
N GLY A 70 25.02 -3.62 -18.31
CA GLY A 70 24.58 -3.45 -16.95
C GLY A 70 24.29 -4.79 -16.25
N ASP A 71 23.89 -4.63 -15.00
CA ASP A 71 23.52 -5.73 -14.15
C ASP A 71 22.06 -5.57 -13.75
N ALA A 72 21.28 -6.59 -14.08
CA ALA A 72 19.85 -6.65 -13.72
C ALA A 72 19.42 -8.10 -13.73
N GLN A 73 18.43 -8.41 -12.90
CA GLN A 73 17.80 -9.73 -12.91
C GLN A 73 16.27 -9.61 -12.70
N PHE A 74 15.60 -10.67 -13.07
CA PHE A 74 14.15 -10.74 -12.85
C PHE A 74 13.82 -12.04 -12.15
N ILE A 75 13.15 -11.95 -10.99
CA ILE A 75 12.60 -13.10 -10.32
C ILE A 75 11.09 -13.13 -10.50
N ALA A 76 10.66 -14.16 -11.21
CA ALA A 76 9.24 -14.53 -11.34
C ALA A 76 8.84 -15.37 -10.17
N VAL A 77 7.73 -15.21 -9.52
CA VAL A 77 7.37 -16.03 -8.37
C VAL A 77 5.98 -16.53 -8.49
N ARG A 78 5.80 -17.85 -8.29
CA ARG A 78 4.52 -18.49 -8.19
C ARG A 78 3.98 -18.27 -6.77
N LEU A 79 2.72 -17.86 -6.58
CA LEU A 79 2.19 -17.56 -5.27
C LEU A 79 0.87 -18.27 -5.07
N PRO A 80 0.85 -19.59 -5.22
CA PRO A 80 -0.39 -20.36 -4.98
C PRO A 80 -0.85 -20.24 -3.55
N HIS A 81 -2.15 -20.33 -3.32
CA HIS A 81 -2.73 -20.60 -1.98
C HIS A 81 -3.09 -22.10 -1.97
N GLY A 82 -2.13 -22.89 -1.49
CA GLY A 82 -2.29 -24.35 -1.54
C GLY A 82 -2.33 -24.76 -3.02
N THR A 83 -3.20 -25.65 -3.40
CA THR A 83 -3.23 -26.10 -4.80
C THR A 83 -3.98 -25.06 -5.63
N GLN A 84 -3.31 -24.51 -6.62
CA GLN A 84 -3.98 -23.54 -7.50
C GLN A 84 -4.58 -24.32 -8.66
N GLN A 85 -5.86 -24.08 -8.94
CA GLN A 85 -6.58 -24.91 -9.91
C GLN A 85 -6.05 -24.81 -11.30
N ASP A 86 -5.54 -23.64 -11.70
CA ASP A 86 -4.93 -23.41 -13.01
C ASP A 86 -3.43 -23.32 -12.93
N GLU A 87 -2.78 -24.09 -12.04
CA GLU A 87 -1.34 -24.19 -11.98
C GLU A 87 -0.75 -24.42 -13.38
N ASP A 88 -1.42 -25.26 -14.20
CA ASP A 88 -0.89 -25.58 -15.53
C ASP A 88 -0.71 -24.29 -16.37
N ASP A 89 -1.65 -23.40 -16.31
CA ASP A 89 -1.57 -22.12 -17.04
C ASP A 89 -0.47 -21.23 -16.45
N ALA A 90 -0.24 -21.25 -15.14
CA ALA A 90 0.91 -20.52 -14.59
C ALA A 90 2.25 -21.09 -15.06
N GLN A 91 2.32 -22.42 -15.19
CA GLN A 91 3.54 -23.04 -15.72
C GLN A 91 3.71 -22.67 -17.20
N LEU A 92 2.64 -22.62 -17.96
CA LEU A 92 2.71 -22.21 -19.36
C LEU A 92 3.23 -20.76 -19.43
N ALA A 93 2.72 -19.92 -18.54
CA ALA A 93 3.20 -18.53 -18.51
C ALA A 93 4.68 -18.44 -18.21
N LEU A 94 5.16 -19.23 -17.28
CA LEU A 94 6.59 -19.25 -16.95
C LEU A 94 7.45 -19.67 -18.13
N LYS A 95 6.90 -20.68 -18.85
CA LYS A 95 7.63 -21.20 -20.01
C LYS A 95 7.76 -20.14 -21.10
N PHE A 96 6.75 -19.30 -21.29
CA PHE A 96 6.78 -18.20 -22.23
C PHE A 96 7.69 -17.05 -21.75
N ILE A 97 7.53 -16.66 -20.49
CA ILE A 97 8.28 -15.53 -19.95
C ILE A 97 9.77 -15.84 -19.94
N LYS A 98 10.12 -17.08 -19.63
CA LYS A 98 11.53 -17.51 -19.51
C LYS A 98 12.31 -16.57 -18.61
N PRO A 99 11.84 -16.47 -17.37
CA PRO A 99 12.45 -15.54 -16.42
C PRO A 99 13.88 -15.95 -16.02
N ASP A 100 14.71 -15.04 -15.63
CA ASP A 100 16.04 -15.38 -15.10
C ASP A 100 15.90 -16.41 -13.98
N LYS A 101 15.04 -16.12 -13.04
CA LYS A 101 14.83 -16.97 -11.87
C LYS A 101 13.34 -17.21 -11.70
N SER A 102 12.92 -18.44 -11.37
CA SER A 102 11.50 -18.72 -11.13
C SER A 102 11.50 -19.34 -9.73
N TRP A 103 10.86 -18.65 -8.80
CA TRP A 103 10.73 -18.99 -7.39
C TRP A 103 9.28 -19.33 -7.09
N LYS A 104 9.01 -19.81 -5.89
CA LYS A 104 7.65 -20.16 -5.44
C LYS A 104 7.50 -19.87 -3.97
N PHE A 105 6.36 -19.36 -3.56
CA PHE A 105 5.99 -19.12 -2.18
C PHE A 105 4.53 -19.47 -2.02
N ASP A 106 4.19 -20.56 -1.34
CA ASP A 106 2.81 -20.96 -1.07
C ASP A 106 2.28 -20.15 0.11
N ILE A 107 1.29 -19.28 -0.10
CA ILE A 107 0.78 -18.41 0.92
C ILE A 107 -0.20 -19.02 1.91
N LYS A 108 -0.52 -20.30 1.73
CA LYS A 108 -1.59 -20.86 2.57
C LYS A 108 -1.29 -20.87 4.07
N SER A 109 -0.07 -21.32 4.44
CA SER A 109 0.15 -21.41 5.90
C SER A 109 0.06 -20.06 6.55
N THR A 110 0.48 -18.96 5.87
CA THR A 110 0.43 -17.61 6.41
C THR A 110 -1.01 -17.13 6.53
N VAL A 111 -1.76 -17.36 5.46
CA VAL A 111 -3.19 -16.97 5.50
C VAL A 111 -3.97 -17.76 6.54
N SER A 112 -3.68 -19.06 6.69
CA SER A 112 -4.36 -19.85 7.74
C SER A 112 -3.95 -19.39 9.10
N ALA A 113 -2.69 -19.09 9.34
CA ALA A 113 -2.30 -18.56 10.66
C ALA A 113 -3.10 -17.29 10.92
N PHE A 114 -3.14 -16.37 9.95
CA PHE A 114 -3.83 -15.10 10.19
C PHE A 114 -5.30 -15.34 10.49
N SER A 115 -5.96 -16.14 9.71
CA SER A 115 -7.38 -16.38 9.84
C SER A 115 -7.70 -17.10 11.14
N ASP A 116 -6.85 -18.03 11.55
CA ASP A 116 -7.07 -18.69 12.85
C ASP A 116 -6.88 -17.73 13.96
N GLN A 117 -5.91 -16.82 13.92
CA GLN A 117 -5.69 -15.82 14.92
C GLN A 117 -6.87 -14.88 14.96
N TYR A 118 -7.43 -14.50 13.79
CA TYR A 118 -8.52 -13.55 13.77
C TYR A 118 -9.72 -14.13 14.55
N GLN A 119 -10.02 -15.35 14.28
CA GLN A 119 -11.16 -16.02 14.98
C GLN A 119 -10.82 -16.20 16.45
N GLN A 120 -9.60 -16.52 16.84
CA GLN A 120 -9.28 -16.64 18.26
C GLN A 120 -9.42 -15.32 18.97
N GLU A 121 -9.04 -14.21 18.35
CA GLU A 121 -9.03 -12.93 18.99
C GLU A 121 -10.42 -12.33 19.07
N THR A 122 -11.25 -12.42 18.06
CA THR A 122 -12.51 -11.78 17.89
C THR A 122 -13.71 -12.68 18.14
N GLY A 123 -13.63 -13.96 18.03
CA GLY A 123 -14.73 -14.89 17.98
C GLY A 123 -15.50 -14.96 16.67
N ASP A 124 -15.01 -14.27 15.63
CA ASP A 124 -15.64 -14.21 14.32
C ASP A 124 -14.73 -14.90 13.31
N GLN A 125 -15.30 -15.65 12.39
CA GLN A 125 -14.62 -16.16 11.24
C GLN A 125 -14.62 -15.04 10.17
N LEU A 126 -13.44 -14.86 9.57
CA LEU A 126 -13.40 -13.92 8.43
C LEU A 126 -14.37 -14.29 7.34
N THR A 127 -15.11 -13.41 6.74
CA THR A 127 -15.89 -13.74 5.56
C THR A 127 -14.93 -14.28 4.51
N ASP A 128 -15.43 -15.06 3.54
CA ASP A 128 -14.60 -15.54 2.43
C ASP A 128 -14.08 -14.33 1.68
N PHE A 129 -14.84 -13.28 1.47
CA PHE A 129 -14.38 -12.10 0.76
C PHE A 129 -13.27 -11.40 1.52
N ASN A 130 -13.35 -11.23 2.84
CA ASN A 130 -12.31 -10.57 3.60
C ASN A 130 -11.07 -11.44 3.60
N LYS A 131 -11.21 -12.75 3.71
CA LYS A 131 -10.05 -13.64 3.67
C LYS A 131 -9.42 -13.58 2.29
N GLY A 132 -10.16 -13.36 1.24
CA GLY A 132 -9.55 -13.27 -0.09
C GLY A 132 -8.68 -12.02 -0.15
N ASN A 133 -9.09 -10.93 0.48
CA ASN A 133 -8.21 -9.74 0.52
C ASN A 133 -6.98 -9.95 1.39
N VAL A 134 -7.07 -10.79 2.44
CA VAL A 134 -5.90 -11.21 3.17
C VAL A 134 -4.95 -11.94 2.25
N LYS A 135 -5.42 -12.84 1.39
CA LYS A 135 -4.56 -13.53 0.43
C LYS A 135 -3.85 -12.56 -0.47
N ALA A 136 -4.59 -11.57 -1.03
CA ALA A 136 -3.96 -10.64 -1.97
C ALA A 136 -2.90 -9.82 -1.26
N ARG A 137 -3.15 -9.41 0.02
CA ARG A 137 -2.14 -8.65 0.75
C ARG A 137 -0.99 -9.53 1.17
N THR A 138 -1.22 -10.82 1.43
CA THR A 138 -0.10 -11.72 1.76
C THR A 138 0.79 -11.90 0.55
N ARG A 139 0.23 -11.95 -0.66
CA ARG A 139 1.05 -11.96 -1.88
C ARG A 139 1.91 -10.74 -1.98
N MET A 140 1.39 -9.56 -1.59
CA MET A 140 2.22 -8.34 -1.59
C MET A 140 3.36 -8.52 -0.63
N ILE A 141 3.11 -9.06 0.58
CA ILE A 141 4.18 -9.22 1.56
C ILE A 141 5.21 -10.16 1.01
N ALA A 142 4.81 -11.23 0.36
CA ALA A 142 5.79 -12.20 -0.18
C ALA A 142 6.69 -11.59 -1.22
N GLN A 143 6.11 -10.83 -2.12
CA GLN A 143 6.90 -10.19 -3.18
C GLN A 143 7.85 -9.17 -2.58
N TYR A 144 7.38 -8.35 -1.62
CA TYR A 144 8.26 -7.39 -0.95
C TYR A 144 9.32 -8.10 -0.12
N ALA A 145 9.06 -9.26 0.43
CA ALA A 145 10.14 -9.96 1.18
C ALA A 145 11.18 -10.43 0.20
N ILE A 146 10.80 -11.02 -0.92
CA ILE A 146 11.79 -11.42 -1.92
C ILE A 146 12.54 -10.22 -2.42
N GLY A 147 11.89 -9.12 -2.75
CA GLY A 147 12.51 -7.94 -3.19
C GLY A 147 13.50 -7.38 -2.18
N GLY A 148 13.07 -7.39 -0.91
CA GLY A 148 13.89 -6.86 0.16
C GLY A 148 15.14 -7.76 0.33
N GLN A 149 14.98 -9.04 0.38
CA GLN A 149 16.12 -9.93 0.52
C GLN A 149 17.06 -9.82 -0.63
N GLU A 150 16.59 -9.65 -1.86
CA GLU A 150 17.38 -9.75 -3.08
C GLU A 150 17.78 -8.42 -3.64
N GLY A 151 17.25 -7.33 -3.14
CA GLY A 151 17.58 -6.00 -3.64
C GLY A 151 16.87 -5.58 -4.88
N LEU A 152 15.62 -5.98 -5.06
CA LEU A 152 14.87 -5.79 -6.30
C LEU A 152 13.63 -4.92 -6.07
N LEU A 153 13.08 -4.38 -7.11
CA LEU A 153 11.82 -3.63 -7.08
C LEU A 153 10.67 -4.57 -7.39
N VAL A 154 9.49 -4.28 -6.83
CA VAL A 154 8.26 -5.05 -7.05
C VAL A 154 7.45 -4.47 -8.17
N LEU A 155 7.27 -5.25 -9.22
CA LEU A 155 6.38 -4.85 -10.32
C LEU A 155 4.91 -5.02 -9.95
N GLY A 156 4.05 -4.14 -10.41
CA GLY A 156 2.62 -4.34 -10.30
C GLY A 156 2.04 -4.50 -11.71
N THR A 157 0.86 -5.08 -11.78
CA THR A 157 0.23 -5.40 -13.06
C THR A 157 -1.01 -4.59 -13.32
N ASP A 158 -1.21 -3.48 -12.57
CA ASP A 158 -2.41 -2.67 -12.82
C ASP A 158 -2.31 -2.05 -14.22
N HIS A 159 -3.47 -1.94 -14.85
CA HIS A 159 -3.64 -1.43 -16.19
C HIS A 159 -5.02 -0.71 -16.20
N ALA A 160 -5.38 -0.05 -17.29
CA ALA A 160 -6.55 0.80 -17.28
C ALA A 160 -7.84 0.05 -17.04
N ALA A 161 -7.97 -1.17 -17.52
CA ALA A 161 -9.22 -1.88 -17.38
C ALA A 161 -9.45 -2.41 -16.00
N GLU A 162 -8.44 -2.52 -15.14
CA GLU A 162 -8.59 -2.75 -13.70
C GLU A 162 -8.64 -1.44 -12.93
N ALA A 163 -7.92 -0.42 -13.37
CA ALA A 163 -7.89 0.87 -12.65
C ALA A 163 -9.30 1.48 -12.71
N VAL A 164 -9.98 1.44 -13.83
CA VAL A 164 -11.25 2.17 -13.97
C VAL A 164 -12.28 1.63 -13.02
N THR A 165 -12.28 0.34 -12.68
CA THR A 165 -13.22 -0.25 -11.76
C THR A 165 -12.71 -0.37 -10.34
N GLY A 166 -11.44 -0.04 -10.15
CA GLY A 166 -10.85 -0.30 -8.85
C GLY A 166 -10.76 -1.74 -8.45
N PHE A 167 -10.56 -2.59 -9.46
CA PHE A 167 -10.63 -4.04 -9.28
C PHE A 167 -9.29 -4.65 -8.93
N PHE A 168 -8.86 -4.27 -7.75
CA PHE A 168 -7.59 -4.73 -7.16
C PHE A 168 -7.75 -4.51 -5.65
N THR A 169 -6.96 -5.20 -4.88
CA THR A 169 -7.00 -5.02 -3.42
C THR A 169 -6.06 -3.90 -3.08
N LYS A 170 -6.51 -2.96 -2.31
CA LYS A 170 -5.82 -1.79 -1.80
C LYS A 170 -4.67 -2.29 -0.92
N TYR A 171 -3.45 -1.99 -1.32
CA TYR A 171 -2.25 -2.47 -0.61
C TYR A 171 -2.10 -3.95 -0.72
N GLY A 172 -2.78 -4.62 -1.61
CA GLY A 172 -2.53 -5.97 -2.01
C GLY A 172 -1.79 -5.96 -3.34
N ASP A 173 -2.47 -6.46 -4.38
CA ASP A 173 -1.89 -6.32 -5.73
C ASP A 173 -1.83 -4.86 -6.15
N GLY A 174 -2.56 -3.97 -5.54
CA GLY A 174 -2.34 -2.54 -5.77
C GLY A 174 -1.00 -2.03 -5.22
N GLY A 175 -0.45 -2.74 -4.26
CA GLY A 175 0.83 -2.29 -3.65
C GLY A 175 2.00 -2.82 -4.49
N ALA A 176 2.64 -1.87 -5.19
CA ALA A 176 3.77 -2.21 -6.06
C ALA A 176 4.70 -1.02 -6.15
N ASP A 177 5.88 -1.19 -6.74
CA ASP A 177 6.81 -0.08 -6.92
C ASP A 177 6.67 0.56 -8.28
N LEU A 178 6.47 -0.19 -9.34
CA LEU A 178 6.34 0.45 -10.69
C LEU A 178 5.49 -0.45 -11.57
N LEU A 179 4.84 0.21 -12.54
CA LEU A 179 3.72 -0.39 -13.27
C LEU A 179 3.98 -0.35 -14.78
N PRO A 180 4.39 -1.38 -15.43
CA PRO A 180 4.67 -1.36 -16.88
C PRO A 180 3.41 -1.32 -17.70
N LEU A 181 2.20 -1.63 -17.19
CA LEU A 181 0.99 -1.82 -17.98
C LEU A 181 0.05 -0.63 -17.91
N THR A 182 0.44 0.43 -17.21
CA THR A 182 -0.47 1.60 -17.11
C THR A 182 -0.99 2.06 -18.44
N GLY A 183 -2.28 2.37 -18.50
CA GLY A 183 -2.89 2.91 -19.71
C GLY A 183 -3.41 1.87 -20.65
N LEU A 184 -3.06 0.60 -20.58
CA LEU A 184 -3.51 -0.43 -21.48
C LEU A 184 -4.90 -0.84 -21.13
N THR A 185 -5.77 -1.04 -22.13
CA THR A 185 -7.04 -1.69 -21.97
C THR A 185 -6.79 -3.20 -21.98
N LYS A 186 -7.82 -3.97 -21.70
CA LYS A 186 -7.64 -5.44 -21.64
C LYS A 186 -7.34 -6.03 -23.00
N ARG A 187 -8.08 -5.58 -24.02
CA ARG A 187 -7.82 -6.02 -25.36
C ARG A 187 -6.51 -5.48 -25.87
N GLN A 188 -6.05 -4.31 -25.51
CA GLN A 188 -4.70 -3.87 -25.87
C GLN A 188 -3.63 -4.77 -25.24
N GLY A 189 -3.82 -5.20 -23.99
CA GLY A 189 -2.86 -6.15 -23.41
C GLY A 189 -2.78 -7.45 -24.21
N ARG A 190 -3.94 -7.92 -24.63
CA ARG A 190 -3.95 -9.10 -25.52
C ARG A 190 -3.17 -8.86 -26.83
N THR A 191 -3.35 -7.72 -27.42
CA THR A 191 -2.62 -7.37 -28.64
C THR A 191 -1.12 -7.36 -28.41
N LEU A 192 -0.66 -6.79 -27.25
CA LEU A 192 0.78 -6.86 -26.96
C LEU A 192 1.25 -8.30 -26.76
N LEU A 193 0.49 -9.12 -26.05
CA LEU A 193 0.86 -10.54 -25.92
C LEU A 193 0.99 -11.28 -27.26
N LYS A 194 0.06 -10.95 -28.17
CA LYS A 194 0.13 -11.54 -29.50
C LYS A 194 1.36 -11.10 -30.22
N GLU A 195 1.77 -9.85 -30.16
CA GLU A 195 3.02 -9.39 -30.76
C GLU A 195 4.22 -10.09 -30.16
N LEU A 196 4.21 -10.38 -28.84
CA LEU A 196 5.32 -11.06 -28.18
C LEU A 196 5.27 -12.54 -28.35
N GLY A 197 4.28 -13.07 -29.07
CA GLY A 197 4.18 -14.48 -29.36
C GLY A 197 3.76 -15.37 -28.25
N ALA A 198 2.90 -14.88 -27.34
CA ALA A 198 2.40 -15.63 -26.22
C ALA A 198 1.52 -16.79 -26.67
N PRO A 199 1.44 -17.80 -25.85
CA PRO A 199 0.48 -18.89 -26.10
C PRO A 199 -0.92 -18.36 -25.94
N GLU A 200 -1.85 -18.69 -26.89
CA GLU A 200 -3.16 -18.06 -26.85
C GLU A 200 -3.95 -18.41 -25.60
N ARG A 201 -3.75 -19.55 -25.00
CA ARG A 201 -4.50 -19.90 -23.78
C ARG A 201 -4.42 -18.76 -22.75
N LEU A 202 -3.28 -18.13 -22.69
CA LEU A 202 -3.12 -17.14 -21.57
C LEU A 202 -3.88 -15.86 -21.80
N TYR A 203 -4.32 -15.54 -23.01
CA TYR A 203 -5.17 -14.40 -23.24
C TYR A 203 -6.59 -14.72 -23.66
N LEU A 204 -6.90 -15.97 -23.91
CA LEU A 204 -8.29 -16.37 -24.19
C LEU A 204 -9.04 -16.83 -22.96
N LYS A 205 -8.39 -17.27 -21.92
CA LYS A 205 -9.06 -17.70 -20.68
C LYS A 205 -9.74 -16.49 -20.02
N GLU A 206 -10.67 -16.73 -19.13
CA GLU A 206 -11.34 -15.69 -18.41
C GLU A 206 -10.43 -15.10 -17.35
N PRO A 207 -10.38 -13.79 -17.32
CA PRO A 207 -9.71 -13.08 -16.20
C PRO A 207 -10.32 -13.54 -14.89
N THR A 208 -9.50 -13.73 -13.86
CA THR A 208 -9.96 -14.12 -12.54
C THR A 208 -8.93 -13.66 -11.50
N ALA A 209 -9.49 -13.21 -10.39
CA ALA A 209 -8.62 -12.90 -9.23
C ALA A 209 -8.40 -14.14 -8.41
N ASP A 210 -9.25 -15.18 -8.54
CA ASP A 210 -9.22 -16.42 -7.84
C ASP A 210 -8.85 -16.22 -6.36
N LEU A 211 -9.62 -15.45 -5.62
CA LEU A 211 -9.37 -15.22 -4.21
C LEU A 211 -10.25 -15.97 -3.23
N LEU A 212 -11.35 -16.52 -3.70
CA LEU A 212 -12.37 -17.05 -2.79
C LEU A 212 -12.27 -18.57 -2.62
N ASP A 213 -12.35 -19.00 -1.37
CA ASP A 213 -12.39 -20.44 -1.13
C ASP A 213 -13.70 -21.06 -1.61
N GLU A 214 -14.80 -20.38 -1.50
CA GLU A 214 -16.12 -21.01 -1.81
C GLU A 214 -16.49 -20.88 -3.25
N LYS A 215 -15.94 -19.90 -3.98
CA LYS A 215 -16.21 -19.61 -5.37
C LYS A 215 -14.86 -19.45 -6.08
N PRO A 216 -14.06 -20.47 -6.12
CA PRO A 216 -12.74 -20.44 -6.75
C PRO A 216 -12.86 -20.06 -8.21
N GLN A 217 -11.87 -19.38 -8.75
CA GLN A 217 -11.74 -19.06 -10.16
C GLN A 217 -12.96 -18.32 -10.65
N GLN A 218 -13.57 -17.50 -9.82
CA GLN A 218 -14.74 -16.67 -10.16
C GLN A 218 -14.29 -15.73 -11.27
N SER A 219 -15.03 -15.57 -12.34
CA SER A 219 -14.59 -14.66 -13.40
C SER A 219 -14.81 -13.25 -12.97
N ASP A 220 -13.89 -12.37 -13.38
CA ASP A 220 -14.02 -10.96 -13.04
C ASP A 220 -15.40 -10.45 -13.45
N GLU A 221 -15.82 -10.80 -14.69
CA GLU A 221 -17.08 -10.27 -15.21
C GLU A 221 -18.25 -10.75 -14.35
N THR A 222 -18.20 -11.90 -13.76
CA THR A 222 -19.29 -12.33 -12.86
C THR A 222 -19.34 -11.40 -11.65
N GLU A 223 -18.18 -11.06 -11.06
CA GLU A 223 -18.18 -10.18 -9.92
C GLU A 223 -18.57 -8.77 -10.28
N LEU A 224 -18.11 -8.26 -11.44
CA LEU A 224 -18.34 -6.88 -11.80
C LEU A 224 -19.71 -6.52 -12.37
N GLY A 225 -20.25 -7.51 -13.07
CA GLY A 225 -21.54 -7.22 -13.74
C GLY A 225 -21.34 -6.42 -14.99
N ILE A 226 -20.16 -6.39 -15.58
CA ILE A 226 -19.81 -5.71 -16.80
C ILE A 226 -18.69 -6.49 -17.48
N SER A 227 -18.66 -6.52 -18.79
CA SER A 227 -17.67 -7.30 -19.51
C SER A 227 -16.44 -6.44 -19.80
N TYR A 228 -15.30 -7.13 -20.08
CA TYR A 228 -14.11 -6.41 -20.50
C TYR A 228 -14.27 -5.71 -21.86
N ASP A 229 -15.09 -6.33 -22.77
CA ASP A 229 -15.32 -5.61 -24.03
C ASP A 229 -16.03 -4.25 -23.82
N GLU A 230 -16.95 -4.22 -22.87
CA GLU A 230 -17.62 -2.98 -22.54
C GLU A 230 -16.69 -1.95 -21.89
N ILE A 231 -15.88 -2.49 -20.92
CA ILE A 231 -14.87 -1.61 -20.29
C ILE A 231 -13.90 -1.02 -21.31
N ASP A 232 -13.41 -1.93 -22.18
CA ASP A 232 -12.44 -1.50 -23.16
C ASP A 232 -12.99 -0.50 -24.21
N ASP A 233 -14.25 -0.74 -24.63
CA ASP A 233 -14.89 0.21 -25.53
C ASP A 233 -14.99 1.59 -24.91
N TYR A 234 -15.39 1.62 -23.64
CA TYR A 234 -15.48 2.85 -22.90
C TYR A 234 -14.17 3.59 -22.86
N LEU A 235 -13.13 2.81 -22.42
CA LEU A 235 -11.83 3.41 -22.23
C LEU A 235 -11.12 3.88 -23.52
N GLU A 236 -11.46 3.12 -24.61
CA GLU A 236 -10.91 3.47 -25.93
C GLU A 236 -11.67 4.57 -26.64
N GLY A 237 -12.68 5.16 -26.01
CA GLY A 237 -13.33 6.32 -26.65
C GLY A 237 -14.44 5.86 -27.54
N LYS A 238 -14.77 4.61 -27.68
CA LYS A 238 -15.83 4.14 -28.54
C LYS A 238 -17.16 4.51 -27.94
N GLU A 239 -18.12 4.70 -28.86
CA GLU A 239 -19.48 4.97 -28.44
C GLU A 239 -19.95 3.70 -27.70
N VAL A 240 -20.43 3.97 -26.49
CA VAL A 240 -20.99 2.93 -25.67
C VAL A 240 -22.43 3.27 -25.25
N SER A 241 -23.06 2.22 -24.85
CA SER A 241 -24.42 2.34 -24.34
C SER A 241 -24.40 3.11 -23.03
N ALA A 242 -25.43 3.87 -22.73
CA ALA A 242 -25.53 4.65 -21.53
C ALA A 242 -25.40 3.78 -20.32
N LYS A 243 -25.90 2.55 -20.26
CA LYS A 243 -25.81 1.70 -19.09
C LYS A 243 -24.35 1.48 -18.70
N VAL A 244 -23.49 1.35 -19.68
CA VAL A 244 -22.05 1.06 -19.42
C VAL A 244 -21.44 2.31 -18.84
N SER A 245 -21.65 3.45 -19.47
CA SER A 245 -21.10 4.68 -18.89
C SER A 245 -21.60 4.93 -17.47
N GLU A 246 -22.87 4.69 -17.18
CA GLU A 246 -23.39 4.89 -15.83
C GLU A 246 -22.63 3.98 -14.87
N ALA A 247 -22.53 2.71 -15.17
CA ALA A 247 -21.92 1.76 -14.26
C ALA A 247 -20.44 2.10 -14.02
N LEU A 248 -19.70 2.37 -15.07
CA LEU A 248 -18.27 2.60 -14.95
C LEU A 248 -18.04 3.90 -14.26
N GLU A 249 -18.78 4.94 -14.52
CA GLU A 249 -18.50 6.24 -13.92
C GLU A 249 -18.79 6.19 -12.44
N LYS A 250 -19.75 5.43 -12.00
CA LYS A 250 -20.04 5.25 -10.59
C LYS A 250 -18.90 4.46 -9.96
N ARG A 251 -18.49 3.33 -10.50
CA ARG A 251 -17.36 2.61 -9.90
C ARG A 251 -16.09 3.48 -9.86
N TYR A 252 -15.82 4.25 -10.86
CA TYR A 252 -14.60 5.04 -10.92
C TYR A 252 -14.65 6.04 -9.78
N SER A 253 -15.77 6.73 -9.59
CA SER A 253 -15.86 7.69 -8.47
C SER A 253 -15.74 7.01 -7.15
N MET A 254 -16.38 5.92 -6.95
CA MET A 254 -16.34 5.23 -5.66
C MET A 254 -14.99 4.72 -5.27
N THR A 255 -14.14 4.45 -6.24
CA THR A 255 -12.83 3.87 -5.97
C THR A 255 -11.68 4.86 -6.17
N GLU A 256 -11.98 6.15 -6.26
CA GLU A 256 -10.89 7.11 -6.38
C GLU A 256 -9.86 6.96 -5.28
N HIS A 257 -10.27 6.63 -4.08
CA HIS A 257 -9.32 6.51 -2.98
C HIS A 257 -8.24 5.49 -3.26
N LYS A 258 -8.52 4.51 -4.11
CA LYS A 258 -7.55 3.49 -4.47
C LYS A 258 -6.48 3.97 -5.42
N ARG A 259 -6.70 5.08 -6.06
CA ARG A 259 -5.84 5.66 -7.08
C ARG A 259 -5.25 6.97 -6.62
N GLN A 260 -5.32 7.27 -5.33
CA GLN A 260 -4.67 8.44 -4.68
C GLN A 260 -3.88 7.90 -3.51
N VAL A 261 -2.91 8.71 -3.07
CA VAL A 261 -2.25 8.43 -1.77
C VAL A 261 -3.26 8.67 -0.64
N PRO A 262 -2.95 8.16 0.54
CA PRO A 262 -3.94 8.28 1.62
C PRO A 262 -4.42 9.69 1.80
N ALA A 263 -5.71 9.91 2.07
CA ALA A 263 -6.26 11.25 2.10
C ALA A 263 -5.89 12.05 3.33
N SER A 264 -5.62 13.33 3.18
CA SER A 264 -5.48 14.27 4.27
C SER A 264 -6.44 15.45 4.09
N MET A 265 -6.50 16.29 5.13
CA MET A 265 -7.36 17.48 5.05
C MET A 265 -6.86 18.48 4.04
N PHE A 266 -5.67 18.31 3.50
CA PHE A 266 -5.12 19.24 2.53
C PHE A 266 -5.42 18.76 1.12
N ASP A 267 -6.06 17.63 0.96
CA ASP A 267 -6.56 17.17 -0.32
C ASP A 267 -8.04 17.57 -0.48
N ASP A 268 -8.31 17.95 -1.75
CA ASP A 268 -9.70 18.35 -2.04
C ASP A 268 -10.47 17.34 -2.92
N TRP A 269 -9.74 16.36 -3.42
CA TRP A 269 -10.36 15.43 -4.40
C TRP A 269 -11.55 14.72 -3.82
N TRP A 270 -11.55 14.42 -2.51
CA TRP A 270 -12.53 13.64 -1.86
C TRP A 270 -13.83 14.34 -1.42
N LYS A 271 -13.73 15.67 -1.46
CA LYS A 271 -14.87 16.41 -0.85
C LYS A 271 -16.15 16.45 -1.66
N SER B 1 13.80 28.00 -2.02
CA SER B 1 14.75 26.93 -1.66
C SER B 1 14.10 25.54 -1.59
N MET B 2 14.94 24.52 -1.55
CA MET B 2 14.43 23.14 -1.38
C MET B 2 13.75 22.97 -0.02
N GLN B 3 14.22 23.62 1.04
CA GLN B 3 13.53 23.60 2.34
C GLN B 3 12.14 24.15 2.19
N GLU B 4 11.92 25.27 1.47
CA GLU B 4 10.60 25.84 1.32
C GLU B 4 9.69 24.93 0.52
N LYS B 5 10.23 24.28 -0.51
CA LYS B 5 9.47 23.38 -1.37
C LYS B 5 8.99 22.20 -0.53
N ILE B 6 9.92 21.64 0.22
CA ILE B 6 9.54 20.49 1.07
C ILE B 6 8.53 20.85 2.15
N MET B 7 8.74 22.00 2.81
CA MET B 7 7.82 22.53 3.80
C MET B 7 6.42 22.63 3.24
N ARG B 8 6.34 23.17 2.01
CA ARG B 8 5.07 23.41 1.36
C ARG B 8 4.50 22.08 0.92
N GLU B 9 5.27 21.19 0.33
CA GLU B 9 4.76 19.92 -0.13
C GLU B 9 4.15 19.10 1.02
N LEU B 10 4.81 19.15 2.18
CA LEU B 10 4.40 18.39 3.37
C LEU B 10 3.39 19.13 4.22
N HIS B 11 2.97 20.32 3.88
CA HIS B 11 1.91 21.05 4.53
C HIS B 11 2.31 21.51 5.92
N VAL B 12 3.55 21.86 6.16
CA VAL B 12 4.01 22.26 7.48
C VAL B 12 3.85 23.75 7.74
N LYS B 13 3.28 24.09 8.86
CA LYS B 13 3.21 25.52 9.29
C LYS B 13 4.37 25.81 10.22
N PRO B 14 4.92 27.01 10.22
CA PRO B 14 5.99 27.40 11.13
C PRO B 14 5.56 27.57 12.58
N SER B 15 4.26 27.88 12.70
CA SER B 15 3.64 28.03 14.02
C SER B 15 2.21 27.49 13.98
N ILE B 16 1.78 26.99 15.10
CA ILE B 16 0.43 26.41 15.16
C ILE B 16 -0.30 26.92 16.37
N ASP B 17 -1.64 26.82 16.33
CA ASP B 17 -2.53 26.98 17.45
C ASP B 17 -3.04 25.65 17.87
N PRO B 18 -2.52 25.01 18.88
CA PRO B 18 -2.78 23.64 19.18
C PRO B 18 -4.23 23.29 19.30
N LYS B 19 -5.04 24.12 19.97
CA LYS B 19 -6.45 23.84 20.10
C LYS B 19 -7.14 23.86 18.73
N GLN B 20 -6.79 24.77 17.88
CA GLN B 20 -7.48 24.80 16.59
C GLN B 20 -7.01 23.70 15.66
N GLU B 21 -5.73 23.24 15.82
CA GLU B 21 -5.29 22.09 15.03
C GLU B 21 -6.04 20.85 15.44
N ILE B 22 -6.28 20.61 16.74
CA ILE B 22 -7.12 19.54 17.21
C ILE B 22 -8.51 19.64 16.59
N GLU B 23 -9.14 20.78 16.64
CA GLU B 23 -10.48 20.94 16.09
C GLU B 23 -10.52 20.67 14.60
N ASP B 24 -9.57 21.20 13.90
CA ASP B 24 -9.52 21.02 12.44
C ASP B 24 -9.33 19.55 12.06
N ARG B 25 -8.50 18.84 12.82
CA ARG B 25 -8.17 17.46 12.47
C ARG B 25 -9.30 16.54 12.89
N VAL B 26 -9.95 16.78 14.00
CA VAL B 26 -11.21 16.09 14.36
C VAL B 26 -12.25 16.35 13.28
N ASN B 27 -12.40 17.60 12.86
CA ASN B 27 -13.36 17.92 11.81
C ASN B 27 -13.05 17.23 10.51
N PHE B 28 -11.77 17.11 10.13
CA PHE B 28 -11.41 16.32 8.92
C PHE B 28 -11.86 14.93 9.02
N LEU B 29 -11.64 14.24 10.15
CA LEU B 29 -12.07 12.87 10.36
C LEU B 29 -13.56 12.78 10.22
N LYS B 30 -14.32 13.69 10.83
CA LYS B 30 -15.79 13.63 10.74
C LYS B 30 -16.21 13.87 9.32
N GLN B 31 -15.66 14.81 8.61
CA GLN B 31 -16.06 15.14 7.26
C GLN B 31 -15.82 13.96 6.33
N TYR B 32 -14.66 13.35 6.48
CA TYR B 32 -14.30 12.28 5.56
C TYR B 32 -15.13 11.04 5.82
N VAL B 33 -15.37 10.66 7.03
CA VAL B 33 -16.09 9.41 7.30
C VAL B 33 -17.54 9.62 6.96
N LYS B 34 -18.11 10.81 7.08
CA LYS B 34 -19.50 11.06 6.72
C LYS B 34 -19.63 11.06 5.22
N LYS B 35 -18.74 11.64 4.47
CA LYS B 35 -18.73 11.68 3.04
C LYS B 35 -18.72 10.29 2.47
N THR B 36 -17.98 9.35 3.04
CA THR B 36 -17.81 8.02 2.54
C THR B 36 -18.89 7.04 2.99
N GLY B 37 -19.62 7.33 4.04
CA GLY B 37 -20.61 6.43 4.60
C GLY B 37 -20.03 5.33 5.47
N ALA B 38 -18.74 5.36 5.84
CA ALA B 38 -18.17 4.32 6.70
C ALA B 38 -18.68 4.46 8.16
N LYS B 39 -18.50 3.41 8.88
CA LYS B 39 -19.06 3.28 10.22
C LYS B 39 -18.13 3.77 11.31
N GLY B 40 -16.96 4.25 10.93
CA GLY B 40 -15.99 4.70 11.91
C GLY B 40 -14.56 4.32 11.50
N PHE B 41 -13.69 4.12 12.47
CA PHE B 41 -12.27 3.97 12.28
C PHE B 41 -11.68 2.82 13.02
N VAL B 42 -10.54 2.28 12.53
CA VAL B 42 -9.70 1.36 13.27
C VAL B 42 -8.28 1.92 13.24
N LEU B 43 -7.56 1.67 14.34
CA LEU B 43 -6.17 2.14 14.38
C LEU B 43 -5.38 1.26 15.35
N GLY B 44 -4.18 0.85 14.96
CA GLY B 44 -3.24 0.21 15.87
C GLY B 44 -2.67 1.22 16.86
N ILE B 45 -2.77 0.84 18.14
CA ILE B 45 -2.28 1.66 19.26
C ILE B 45 -1.02 1.03 19.80
N SER B 46 0.12 1.68 19.57
CA SER B 46 1.43 1.10 19.94
C SER B 46 1.92 1.54 21.31
N GLY B 47 1.35 2.54 21.89
CA GLY B 47 1.92 3.21 23.06
C GLY B 47 2.76 4.42 22.71
N GLY B 48 3.11 4.62 21.43
CA GLY B 48 3.88 5.73 20.96
C GLY B 48 3.09 6.98 20.75
N GLN B 49 3.75 8.13 20.65
CA GLN B 49 3.11 9.43 20.57
C GLN B 49 2.13 9.51 19.42
N ASP B 50 2.48 9.05 18.23
CA ASP B 50 1.70 9.37 17.05
C ASP B 50 0.36 8.62 17.12
N SER B 51 0.36 7.36 17.47
CA SER B 51 -0.89 6.61 17.55
C SER B 51 -1.70 7.01 18.76
N THR B 52 -1.06 7.48 19.84
CA THR B 52 -1.83 8.01 20.96
C THR B 52 -2.56 9.23 20.52
N LEU B 53 -1.92 10.12 19.84
CA LEU B 53 -2.53 11.35 19.33
C LEU B 53 -3.63 11.03 18.33
N ALA B 54 -3.31 10.28 17.30
CA ALA B 54 -4.33 9.94 16.27
C ALA B 54 -5.50 9.19 16.91
N GLY B 55 -5.24 8.31 17.82
CA GLY B 55 -6.31 7.56 18.46
C GLY B 55 -7.24 8.52 19.21
N ARG B 56 -6.66 9.43 20.00
CA ARG B 56 -7.55 10.35 20.74
C ARG B 56 -8.33 11.21 19.80
N LEU B 57 -7.73 11.74 18.71
CA LEU B 57 -8.49 12.51 17.74
C LEU B 57 -9.61 11.66 17.17
N ALA B 58 -9.39 10.41 16.83
CA ALA B 58 -10.44 9.55 16.28
C ALA B 58 -11.57 9.40 17.28
N GLN B 59 -11.23 9.15 18.53
CA GLN B 59 -12.28 8.97 19.56
C GLN B 59 -13.08 10.24 19.71
N LEU B 60 -12.49 11.42 19.69
CA LEU B 60 -13.21 12.68 19.73
C LEU B 60 -14.09 12.81 18.52
N ALA B 61 -13.63 12.46 17.32
CA ALA B 61 -14.48 12.56 16.13
C ALA B 61 -15.68 11.65 16.26
N VAL B 62 -15.54 10.40 16.66
CA VAL B 62 -16.73 9.54 16.72
C VAL B 62 -17.66 9.98 17.81
N GLU B 63 -17.19 10.51 18.92
CA GLU B 63 -18.09 11.04 19.96
C GLU B 63 -18.85 12.22 19.39
N SER B 64 -18.22 13.08 18.60
CA SER B 64 -18.94 14.22 18.04
C SER B 64 -19.96 13.76 17.07
N ILE B 65 -19.74 12.80 16.24
CA ILE B 65 -20.69 12.28 15.28
C ILE B 65 -21.89 11.69 16.04
N ARG B 66 -21.67 10.93 17.10
CA ARG B 66 -22.80 10.41 17.88
C ARG B 66 -23.55 11.53 18.54
N GLU B 67 -22.96 12.55 19.04
CA GLU B 67 -23.61 13.71 19.65
C GLU B 67 -24.54 14.35 18.63
N GLU B 68 -24.23 14.31 17.35
CA GLU B 68 -25.12 14.79 16.27
C GLU B 68 -26.16 13.82 15.85
N GLY B 69 -26.30 12.61 16.36
CA GLY B 69 -27.30 11.66 16.04
C GLY B 69 -26.84 10.65 15.04
N GLY B 70 -25.51 10.65 14.74
CA GLY B 70 -24.94 9.74 13.78
C GLY B 70 -24.45 8.44 14.44
N ASP B 71 -24.01 7.54 13.64
CA ASP B 71 -23.54 6.21 14.05
C ASP B 71 -22.06 6.09 13.65
N ALA B 72 -21.23 6.09 14.66
CA ALA B 72 -19.78 6.02 14.42
C ALA B 72 -19.14 5.33 15.58
N GLN B 73 -18.08 4.59 15.35
CA GLN B 73 -17.35 3.93 16.42
C GLN B 73 -15.84 3.99 16.11
N PHE B 74 -15.00 3.87 17.12
CA PHE B 74 -13.57 3.77 16.98
C PHE B 74 -13.14 2.48 17.63
N ILE B 75 -12.45 1.60 16.89
CA ILE B 75 -11.79 0.41 17.37
C ILE B 75 -10.29 0.68 17.49
N ALA B 76 -9.73 0.78 18.70
CA ALA B 76 -8.32 0.75 18.97
C ALA B 76 -7.89 -0.70 19.01
N VAL B 77 -6.75 -1.02 18.39
CA VAL B 77 -6.28 -2.41 18.38
C VAL B 77 -4.83 -2.49 18.77
N ARG B 78 -4.55 -3.30 19.78
CA ARG B 78 -3.16 -3.66 20.14
C ARG B 78 -2.68 -4.72 19.15
N LEU B 79 -1.45 -4.50 18.67
CA LEU B 79 -0.88 -5.39 17.64
C LEU B 79 0.51 -5.84 18.03
N PRO B 80 0.71 -6.40 19.24
CA PRO B 80 2.01 -6.90 19.64
C PRO B 80 2.44 -8.05 18.72
N HIS B 81 3.77 -8.13 18.59
CA HIS B 81 4.37 -9.35 18.08
C HIS B 81 4.84 -10.22 19.30
N GLY B 82 4.01 -11.09 19.75
CA GLY B 82 4.30 -11.81 21.02
C GLY B 82 4.26 -10.80 22.17
N THR B 83 5.27 -10.82 23.02
CA THR B 83 5.27 -9.91 24.18
C THR B 83 5.87 -8.58 23.78
N GLN B 84 5.12 -7.48 23.93
CA GLN B 84 5.66 -6.17 23.57
C GLN B 84 6.39 -5.60 24.77
N GLN B 85 7.63 -5.18 24.62
CA GLN B 85 8.38 -4.72 25.81
C GLN B 85 7.73 -3.56 26.54
N ASP B 86 7.13 -2.60 25.85
CA ASP B 86 6.51 -1.41 26.41
C ASP B 86 5.02 -1.56 26.38
N GLU B 87 4.47 -2.71 26.60
CA GLU B 87 3.05 -2.95 26.78
C GLU B 87 2.46 -1.97 27.79
N ASP B 88 3.14 -1.72 28.89
CA ASP B 88 2.60 -0.80 29.89
C ASP B 88 2.31 0.55 29.28
N ASP B 89 3.16 1.06 28.37
CA ASP B 89 2.88 2.37 27.78
C ASP B 89 1.68 2.23 26.84
N ALA B 90 1.52 1.12 26.15
CA ALA B 90 0.33 0.96 25.28
C ALA B 90 -0.90 0.95 26.16
N GLN B 91 -0.84 0.30 27.31
CA GLN B 91 -2.02 0.25 28.20
C GLN B 91 -2.29 1.63 28.74
N LEU B 92 -1.31 2.43 29.01
CA LEU B 92 -1.46 3.79 29.46
C LEU B 92 -2.15 4.62 28.36
N ALA B 93 -1.75 4.41 27.11
CA ALA B 93 -2.34 5.09 25.97
C ALA B 93 -3.81 4.72 25.87
N LEU B 94 -4.19 3.48 26.06
CA LEU B 94 -5.61 3.08 25.97
C LEU B 94 -6.38 3.77 27.09
N LYS B 95 -5.82 3.87 28.29
CA LYS B 95 -6.52 4.57 29.42
C LYS B 95 -6.72 6.02 29.07
N PHE B 96 -5.84 6.67 28.35
CA PHE B 96 -6.00 8.04 27.95
C PHE B 96 -7.00 8.21 26.79
N ILE B 97 -6.83 7.36 25.76
CA ILE B 97 -7.64 7.46 24.56
C ILE B 97 -9.10 7.19 24.91
N LYS B 98 -9.38 6.21 25.75
CA LYS B 98 -10.75 5.74 26.07
C LYS B 98 -11.46 5.43 24.79
N PRO B 99 -10.98 4.49 24.01
CA PRO B 99 -11.64 4.12 22.75
C PRO B 99 -12.95 3.44 23.00
N ASP B 100 -13.85 3.53 22.04
CA ASP B 100 -15.11 2.81 22.13
C ASP B 100 -14.89 1.33 22.36
N LYS B 101 -13.98 0.74 21.54
CA LYS B 101 -13.64 -0.65 21.54
C LYS B 101 -12.14 -0.83 21.62
N SER B 102 -11.71 -1.86 22.35
CA SER B 102 -10.32 -2.14 22.53
C SER B 102 -10.10 -3.56 22.15
N TRP B 103 -9.51 -3.80 20.99
CA TRP B 103 -9.23 -5.07 20.40
C TRP B 103 -7.74 -5.43 20.46
N LYS B 104 -7.44 -6.71 20.18
CA LYS B 104 -6.05 -7.13 20.16
C LYS B 104 -5.88 -8.15 19.06
N PHE B 105 -4.81 -8.07 18.29
CA PHE B 105 -4.44 -9.08 17.32
C PHE B 105 -2.92 -9.26 17.45
N ASP B 106 -2.51 -10.43 17.94
CA ASP B 106 -1.09 -10.73 18.10
C ASP B 106 -0.60 -11.26 16.72
N ILE B 107 0.36 -10.52 16.16
CA ILE B 107 0.80 -10.87 14.81
C ILE B 107 1.86 -11.94 14.78
N LYS B 108 2.29 -12.50 15.91
CA LYS B 108 3.43 -13.43 15.90
C LYS B 108 3.17 -14.70 15.14
N SER B 109 2.03 -15.34 15.28
CA SER B 109 1.82 -16.58 14.61
C SER B 109 1.86 -16.43 13.09
N THR B 110 1.33 -15.34 12.55
CA THR B 110 1.29 -15.01 11.12
C THR B 110 2.73 -14.77 10.68
N VAL B 111 3.47 -13.94 11.36
CA VAL B 111 4.82 -13.60 10.99
C VAL B 111 5.69 -14.85 11.04
N SER B 112 5.50 -15.72 12.02
CA SER B 112 6.30 -16.95 12.10
C SER B 112 5.95 -17.88 10.98
N ALA B 113 4.67 -18.01 10.67
CA ALA B 113 4.28 -18.89 9.56
C ALA B 113 4.95 -18.38 8.27
N PHE B 114 4.90 -17.08 8.02
CA PHE B 114 5.52 -16.49 6.82
C PHE B 114 7.03 -16.74 6.82
N SER B 115 7.71 -16.45 7.92
CA SER B 115 9.16 -16.59 7.98
C SER B 115 9.58 -18.06 7.78
N ASP B 116 8.83 -18.94 8.37
CA ASP B 116 9.15 -20.38 8.24
C ASP B 116 8.95 -20.84 6.82
N GLN B 117 7.85 -20.38 6.17
CA GLN B 117 7.63 -20.70 4.78
C GLN B 117 8.74 -20.12 3.92
N TYR B 118 9.16 -18.92 4.18
CA TYR B 118 10.15 -18.23 3.38
C TYR B 118 11.43 -19.12 3.33
N GLN B 119 11.86 -19.58 4.53
CA GLN B 119 13.10 -20.38 4.58
C GLN B 119 12.89 -21.72 3.92
N GLN B 120 11.78 -22.36 4.02
CA GLN B 120 11.42 -23.58 3.37
C GLN B 120 11.48 -23.48 1.85
N GLU B 121 10.93 -22.36 1.32
CA GLU B 121 10.85 -22.22 -0.13
C GLU B 121 12.17 -21.78 -0.69
N THR B 122 12.96 -20.96 -0.06
CA THR B 122 14.12 -20.33 -0.69
C THR B 122 15.45 -20.90 -0.23
N GLY B 123 15.40 -21.49 0.96
CA GLY B 123 16.59 -21.94 1.66
C GLY B 123 17.28 -20.85 2.41
N ASP B 124 16.75 -19.62 2.45
CA ASP B 124 17.31 -18.46 3.04
C ASP B 124 16.50 -18.05 4.25
N GLN B 125 17.16 -17.77 5.36
CA GLN B 125 16.55 -17.15 6.50
C GLN B 125 16.08 -15.75 6.13
N LEU B 126 14.85 -15.45 6.56
CA LEU B 126 14.39 -14.09 6.37
C LEU B 126 15.18 -13.20 7.33
N THR B 127 15.90 -12.21 6.98
CA THR B 127 16.69 -11.42 7.90
C THR B 127 15.88 -10.48 8.79
N ASP B 128 16.51 -10.05 9.86
CA ASP B 128 15.78 -9.21 10.85
C ASP B 128 15.20 -7.98 10.18
N PHE B 129 15.89 -7.30 9.32
CA PHE B 129 15.37 -6.11 8.67
C PHE B 129 14.19 -6.51 7.83
N ASN B 130 14.23 -7.54 7.03
CA ASN B 130 13.09 -7.88 6.18
C ASN B 130 11.96 -8.39 7.01
N LYS B 131 12.22 -9.10 8.11
CA LYS B 131 11.15 -9.60 8.94
C LYS B 131 10.51 -8.41 9.64
N GLY B 132 11.26 -7.40 9.95
CA GLY B 132 10.60 -6.24 10.58
C GLY B 132 9.59 -5.65 9.63
N ASN B 133 9.88 -5.56 8.35
CA ASN B 133 8.89 -5.03 7.39
C ASN B 133 7.74 -5.99 7.18
N VAL B 134 7.94 -7.29 7.28
CA VAL B 134 6.87 -8.27 7.33
C VAL B 134 5.93 -7.94 8.49
N LYS B 135 6.49 -7.70 9.70
CA LYS B 135 5.66 -7.34 10.84
C LYS B 135 4.83 -6.08 10.55
N ALA B 136 5.41 -5.04 10.03
CA ALA B 136 4.67 -3.83 9.76
C ALA B 136 3.55 -4.08 8.75
N ARG B 137 3.82 -4.88 7.71
CA ARG B 137 2.80 -5.19 6.70
C ARG B 137 1.77 -6.10 7.28
N THR B 138 2.09 -7.02 8.18
CA THR B 138 1.12 -7.88 8.79
C THR B 138 0.18 -7.03 9.68
N ARG B 139 0.68 -6.03 10.35
CA ARG B 139 -0.19 -5.05 11.09
C ARG B 139 -1.16 -4.34 10.15
N MET B 140 -0.74 -3.98 8.93
CA MET B 140 -1.64 -3.41 7.93
C MET B 140 -2.72 -4.42 7.61
N ILE B 141 -2.39 -5.67 7.36
CA ILE B 141 -3.37 -6.68 7.03
C ILE B 141 -4.40 -6.82 8.17
N ALA B 142 -3.91 -6.81 9.42
CA ALA B 142 -4.80 -6.96 10.54
C ALA B 142 -5.77 -5.80 10.65
N GLN B 143 -5.29 -4.60 10.44
CA GLN B 143 -6.19 -3.45 10.53
C GLN B 143 -7.19 -3.42 9.40
N TYR B 144 -6.78 -3.76 8.16
CA TYR B 144 -7.73 -3.82 7.03
C TYR B 144 -8.68 -4.99 7.22
N ALA B 145 -8.34 -6.10 7.86
CA ALA B 145 -9.32 -7.17 8.12
C ALA B 145 -10.37 -6.75 9.10
N ILE B 146 -9.94 -6.08 10.19
CA ILE B 146 -10.87 -5.56 11.15
C ILE B 146 -11.75 -4.57 10.46
N GLY B 147 -11.20 -3.61 9.72
CA GLY B 147 -11.99 -2.60 9.05
C GLY B 147 -12.93 -3.21 8.04
N GLY B 148 -12.52 -4.17 7.29
CA GLY B 148 -13.39 -4.82 6.27
C GLY B 148 -14.51 -5.50 7.00
N GLN B 149 -14.26 -6.22 8.04
CA GLN B 149 -15.30 -6.92 8.79
C GLN B 149 -16.30 -5.95 9.43
N GLU B 150 -15.86 -4.82 9.90
CA GLU B 150 -16.67 -3.91 10.71
C GLU B 150 -17.14 -2.70 10.02
N GLY B 151 -16.77 -2.50 8.73
CA GLY B 151 -17.17 -1.36 7.95
C GLY B 151 -16.48 -0.07 8.30
N LEU B 152 -15.20 -0.14 8.68
CA LEU B 152 -14.45 1.02 9.17
C LEU B 152 -13.34 1.45 8.22
N LEU B 153 -12.86 2.65 8.35
CA LEU B 153 -11.69 3.16 7.61
C LEU B 153 -10.44 2.97 8.46
N VAL B 154 -9.32 2.67 7.84
CA VAL B 154 -8.07 2.49 8.56
C VAL B 154 -7.34 3.81 8.65
N LEU B 155 -7.12 4.30 9.90
CA LEU B 155 -6.32 5.51 10.09
C LEU B 155 -4.84 5.20 9.94
N GLY B 156 -4.13 6.21 9.40
CA GLY B 156 -2.65 6.13 9.43
C GLY B 156 -2.09 7.26 10.31
N THR B 157 -0.89 7.08 10.81
CA THR B 157 -0.31 8.02 11.73
C THR B 157 0.82 8.80 11.10
N ASP B 158 1.00 8.74 9.79
CA ASP B 158 2.08 9.54 9.19
C ASP B 158 1.84 11.00 9.46
N HIS B 159 2.98 11.69 9.60
CA HIS B 159 3.05 13.12 9.90
C HIS B 159 4.31 13.64 9.20
N ALA B 160 4.58 14.94 9.22
CA ALA B 160 5.67 15.48 8.42
C ALA B 160 7.06 15.03 8.82
N ALA B 161 7.28 14.76 10.07
CA ALA B 161 8.63 14.36 10.48
C ALA B 161 8.89 12.95 10.06
N GLU B 162 7.94 12.05 9.91
CA GLU B 162 8.14 10.73 9.28
C GLU B 162 8.02 10.83 7.77
N ALA B 163 7.22 11.67 7.22
CA ALA B 163 7.07 11.78 5.77
C ALA B 163 8.44 12.15 5.20
N VAL B 164 9.11 13.17 5.74
CA VAL B 164 10.26 13.80 5.06
C VAL B 164 11.41 12.81 5.00
N THR B 165 11.51 11.87 5.88
CA THR B 165 12.56 10.85 5.89
C THR B 165 12.14 9.51 5.32
N GLY B 166 10.84 9.40 5.00
CA GLY B 166 10.34 8.09 4.52
C GLY B 166 10.46 7.02 5.56
N PHE B 167 10.31 7.45 6.86
CA PHE B 167 10.50 6.56 7.98
C PHE B 167 9.24 5.82 8.36
N PHE B 168 8.83 4.95 7.48
CA PHE B 168 7.68 4.08 7.60
C PHE B 168 7.87 2.92 6.61
N THR B 169 7.17 1.84 6.81
CA THR B 169 7.23 0.72 5.84
C THR B 169 6.21 0.99 4.77
N LYS B 170 6.66 0.90 3.53
CA LYS B 170 5.79 1.08 2.37
C LYS B 170 4.75 -0.03 2.32
N TYR B 171 3.48 0.32 2.35
CA TYR B 171 2.35 -0.62 2.42
C TYR B 171 2.31 -1.39 3.74
N GLY B 172 3.06 -0.91 4.73
CA GLY B 172 2.87 -1.41 6.10
C GLY B 172 2.13 -0.33 6.90
N ASP B 173 2.80 0.40 7.78
CA ASP B 173 2.16 1.54 8.44
C ASP B 173 1.96 2.71 7.52
N GLY B 174 2.61 2.73 6.34
CA GLY B 174 2.24 3.68 5.28
C GLY B 174 0.92 3.33 4.60
N GLY B 175 0.46 2.10 4.71
CA GLY B 175 -0.82 1.72 4.09
C GLY B 175 -1.99 2.10 4.95
N ALA B 176 -2.73 3.12 4.64
CA ALA B 176 -3.86 3.59 5.43
C ALA B 176 -4.82 4.30 4.52
N ASP B 177 -6.00 4.56 5.03
CA ASP B 177 -7.03 5.27 4.28
C ASP B 177 -7.06 6.74 4.40
N LEU B 178 -6.74 7.30 5.60
CA LEU B 178 -6.75 8.74 5.86
C LEU B 178 -5.79 9.11 7.00
N LEU B 179 -5.31 10.33 6.94
CA LEU B 179 -4.20 10.74 7.77
C LEU B 179 -4.51 11.96 8.60
N PRO B 180 -4.89 11.86 9.85
CA PRO B 180 -5.21 13.06 10.62
C PRO B 180 -4.00 13.91 11.00
N LEU B 181 -2.79 13.34 10.92
CA LEU B 181 -1.60 14.06 11.46
C LEU B 181 -0.80 14.71 10.36
N THR B 182 -1.21 14.72 9.12
CA THR B 182 -0.44 15.29 8.01
C THR B 182 -0.06 16.71 8.34
N GLY B 183 1.21 17.06 8.04
CA GLY B 183 1.69 18.42 8.22
C GLY B 183 2.29 18.69 9.58
N LEU B 184 1.99 17.92 10.59
CA LEU B 184 2.57 18.17 11.90
C LEU B 184 4.00 17.69 11.96
N THR B 185 4.88 18.52 12.61
CA THR B 185 6.24 18.07 12.95
C THR B 185 6.14 17.26 14.22
N LYS B 186 7.23 16.62 14.65
CA LYS B 186 7.17 15.78 15.80
C LYS B 186 6.79 16.55 17.07
N ARG B 187 7.52 17.69 17.24
CA ARG B 187 7.22 18.54 18.40
C ARG B 187 5.84 19.16 18.32
N GLN B 188 5.32 19.47 17.13
CA GLN B 188 3.95 19.99 17.05
C GLN B 188 2.95 18.93 17.46
N GLY B 189 3.19 17.67 17.09
CA GLY B 189 2.32 16.56 17.55
C GLY B 189 2.30 16.52 19.05
N ARG B 190 3.54 16.60 19.62
CA ARG B 190 3.66 16.55 21.05
C ARG B 190 2.86 17.68 21.73
N THR B 191 2.88 18.85 21.14
CA THR B 191 2.12 19.96 21.68
C THR B 191 0.63 19.67 21.65
N LEU B 192 0.13 18.97 20.62
CA LEU B 192 -1.31 18.62 20.59
C LEU B 192 -1.66 17.62 21.65
N LEU B 193 -0.80 16.63 21.84
CA LEU B 193 -1.02 15.58 22.79
C LEU B 193 -0.99 16.18 24.19
N LYS B 194 -0.05 17.09 24.47
CA LYS B 194 -0.08 17.72 25.78
C LYS B 194 -1.32 18.54 25.97
N GLU B 195 -1.79 19.27 24.98
CA GLU B 195 -2.99 20.07 25.07
C GLU B 195 -4.20 19.17 25.30
N LEU B 196 -4.25 17.94 24.78
CA LEU B 196 -5.33 17.00 25.01
C LEU B 196 -5.31 16.37 26.39
N GLY B 197 -4.30 16.70 27.20
CA GLY B 197 -4.20 16.24 28.57
C GLY B 197 -3.48 14.94 28.78
N ALA B 198 -2.64 14.52 27.79
CA ALA B 198 -1.89 13.28 28.04
C ALA B 198 -0.76 13.49 29.09
N PRO B 199 -0.44 12.47 29.82
CA PRO B 199 0.70 12.59 30.76
C PRO B 199 2.03 12.64 30.05
N GLU B 200 3.02 13.19 30.72
CA GLU B 200 4.37 13.35 30.15
C GLU B 200 4.88 12.03 29.62
N ARG B 201 4.56 10.93 30.26
CA ARG B 201 5.10 9.61 29.90
C ARG B 201 4.70 9.24 28.48
N LEU B 202 3.53 9.75 28.05
CA LEU B 202 3.12 9.53 26.67
C LEU B 202 3.66 10.57 25.72
N TYR B 203 3.64 11.88 26.00
CA TYR B 203 3.99 12.85 25.00
C TYR B 203 5.52 13.11 24.93
N LEU B 204 6.29 12.54 25.88
CA LEU B 204 7.74 12.64 25.81
C LEU B 204 8.36 11.26 25.62
N LYS B 205 7.58 10.26 25.24
CA LYS B 205 8.04 8.89 25.04
C LYS B 205 8.99 8.82 23.84
N GLU B 206 10.15 8.17 24.00
CA GLU B 206 11.11 8.07 22.90
C GLU B 206 10.51 7.34 21.69
N PRO B 207 10.59 7.92 20.52
CA PRO B 207 10.04 7.30 19.30
C PRO B 207 10.77 6.04 18.91
N THR B 208 10.04 4.99 18.57
CA THR B 208 10.57 3.71 18.13
C THR B 208 9.52 3.03 17.23
N ALA B 209 10.04 2.38 16.20
CA ALA B 209 9.22 1.51 15.37
C ALA B 209 9.13 0.14 15.98
N ASP B 210 10.06 -0.26 16.85
CA ASP B 210 10.14 -1.54 17.50
C ASP B 210 9.84 -2.73 16.58
N LEU B 211 10.60 -2.84 15.48
CA LEU B 211 10.40 -3.94 14.54
C LEU B 211 11.42 -5.07 14.59
N LEU B 212 12.58 -4.79 15.22
CA LEU B 212 13.66 -5.78 15.11
C LEU B 212 13.72 -6.73 16.27
N ASP B 213 13.94 -8.00 16.02
CA ASP B 213 14.14 -8.99 17.06
C ASP B 213 15.55 -8.80 17.66
N GLU B 214 16.51 -8.36 16.91
CA GLU B 214 17.89 -8.28 17.44
C GLU B 214 18.15 -7.01 18.22
N LYS B 215 17.39 -5.96 17.92
CA LYS B 215 17.54 -4.71 18.64
C LYS B 215 16.15 -4.15 18.90
N PRO B 216 15.43 -4.75 19.82
CA PRO B 216 14.10 -4.31 20.18
C PRO B 216 14.13 -2.88 20.69
N GLN B 217 13.06 -2.12 20.40
CA GLN B 217 12.92 -0.77 20.93
C GLN B 217 14.05 0.13 20.50
N GLN B 218 14.58 -0.14 19.30
CA GLN B 218 15.65 0.73 18.80
C GLN B 218 15.06 2.11 18.46
N SER B 219 15.72 3.14 18.96
CA SER B 219 15.23 4.49 18.71
C SER B 219 15.32 4.85 17.24
N ASP B 220 14.30 5.59 16.79
CA ASP B 220 14.27 6.08 15.42
C ASP B 220 15.54 6.86 15.10
N GLU B 221 15.94 7.67 16.11
CA GLU B 221 17.04 8.61 15.90
C GLU B 221 18.38 7.90 15.74
N THR B 222 18.47 6.73 16.36
CA THR B 222 19.69 5.92 16.20
C THR B 222 19.75 5.47 14.75
N GLU B 223 18.62 4.99 14.21
CA GLU B 223 18.56 4.58 12.83
C GLU B 223 18.78 5.73 11.84
N LEU B 224 18.21 6.89 12.12
CA LEU B 224 18.27 8.02 11.21
C LEU B 224 19.63 8.70 11.21
N GLY B 225 20.25 8.74 12.39
CA GLY B 225 21.47 9.51 12.56
C GLY B 225 21.22 11.02 12.60
N ILE B 226 19.99 11.42 12.86
CA ILE B 226 19.57 12.82 12.89
C ILE B 226 18.52 12.93 13.99
N SER B 227 18.46 14.02 14.73
CA SER B 227 17.43 14.04 15.79
C SER B 227 16.12 14.55 15.25
N TYR B 228 15.02 14.22 15.97
CA TYR B 228 13.73 14.80 15.56
C TYR B 228 13.75 16.30 15.74
N ASP B 229 14.50 16.85 16.71
CA ASP B 229 14.47 18.30 16.83
C ASP B 229 15.12 18.98 15.64
N GLU B 230 16.16 18.37 15.07
CA GLU B 230 16.73 18.92 13.86
C GLU B 230 15.79 18.83 12.64
N ILE B 231 15.15 17.60 12.58
CA ILE B 231 14.10 17.47 11.53
C ILE B 231 13.02 18.52 11.58
N ASP B 232 12.55 18.72 12.86
CA ASP B 232 11.48 19.64 13.10
C ASP B 232 11.86 21.09 12.77
N ASP B 233 13.16 21.41 13.16
CA ASP B 233 13.64 22.75 12.76
C ASP B 233 13.66 22.94 11.27
N TYR B 234 14.16 21.93 10.56
CA TYR B 234 14.16 22.03 9.09
C TYR B 234 12.78 22.25 8.53
N LEU B 235 11.84 21.39 8.95
CA LEU B 235 10.48 21.46 8.42
C LEU B 235 9.74 22.73 8.80
N GLU B 236 10.05 23.34 9.94
CA GLU B 236 9.35 24.58 10.35
C GLU B 236 10.03 25.79 9.70
N GLY B 237 11.12 25.59 8.99
CA GLY B 237 11.72 26.74 8.28
C GLY B 237 12.76 27.43 9.12
N LYS B 238 13.25 26.87 10.18
CA LYS B 238 14.39 27.41 10.93
C LYS B 238 15.68 27.04 10.24
N GLU B 239 16.77 27.71 10.68
CA GLU B 239 18.09 27.39 10.11
C GLU B 239 18.67 26.15 10.78
N VAL B 240 19.26 25.28 9.98
CA VAL B 240 19.91 24.07 10.40
C VAL B 240 21.30 24.06 9.73
N SER B 241 22.09 23.14 10.16
CA SER B 241 23.41 22.95 9.57
C SER B 241 23.26 22.50 8.10
N ALA B 242 24.37 22.51 7.39
CA ALA B 242 24.40 22.06 6.01
C ALA B 242 24.34 20.54 5.97
N LYS B 243 24.99 19.92 6.95
CA LYS B 243 24.93 18.48 7.12
C LYS B 243 23.49 18.01 7.31
N VAL B 244 22.73 18.71 8.14
CA VAL B 244 21.32 18.32 8.37
C VAL B 244 20.53 18.58 7.10
N SER B 245 20.56 19.75 6.53
CA SER B 245 19.75 20.02 5.33
C SER B 245 20.16 19.12 4.19
N GLU B 246 21.45 18.82 4.03
CA GLU B 246 21.89 17.95 2.95
C GLU B 246 21.32 16.55 3.16
N ALA B 247 21.50 15.98 4.33
CA ALA B 247 21.07 14.63 4.61
C ALA B 247 19.53 14.52 4.46
N LEU B 248 18.78 15.54 4.87
CA LEU B 248 17.33 15.41 4.75
C LEU B 248 16.87 15.64 3.34
N GLU B 249 17.48 16.54 2.58
CA GLU B 249 17.08 16.70 1.18
C GLU B 249 17.44 15.46 0.39
N LYS B 250 18.50 14.72 0.64
CA LYS B 250 18.82 13.48 -0.05
C LYS B 250 17.86 12.36 0.33
N ARG B 251 17.58 12.14 1.60
CA ARG B 251 16.61 11.16 2.05
C ARG B 251 15.22 11.50 1.50
N TYR B 252 14.82 12.76 1.39
CA TYR B 252 13.53 13.11 0.84
C TYR B 252 13.47 12.70 -0.61
N SER B 253 14.51 13.02 -1.42
CA SER B 253 14.46 12.59 -2.82
C SER B 253 14.48 11.11 -2.95
N MET B 254 15.26 10.41 -2.20
CA MET B 254 15.42 8.97 -2.21
C MET B 254 14.12 8.24 -1.85
N THR B 255 13.23 8.89 -1.09
CA THR B 255 12.00 8.21 -0.59
C THR B 255 10.80 8.81 -1.26
N GLU B 256 10.85 9.61 -2.29
CA GLU B 256 9.69 10.15 -2.93
C GLU B 256 8.72 9.03 -3.34
N HIS B 257 9.24 7.86 -3.74
CA HIS B 257 8.38 6.77 -4.17
C HIS B 257 7.40 6.39 -3.06
N LYS B 258 7.77 6.56 -1.78
CA LYS B 258 6.83 6.19 -0.73
C LYS B 258 5.71 7.20 -0.58
N ARG B 259 5.83 8.38 -1.15
CA ARG B 259 4.83 9.44 -1.00
C ARG B 259 4.02 9.68 -2.27
N GLN B 260 4.16 8.72 -3.21
CA GLN B 260 3.43 8.77 -4.48
C GLN B 260 2.77 7.42 -4.72
N VAL B 261 1.70 7.36 -5.52
CA VAL B 261 1.19 6.08 -6.00
C VAL B 261 2.29 5.40 -6.83
N PRO B 262 2.16 4.10 -7.09
CA PRO B 262 3.22 3.40 -7.85
C PRO B 262 3.55 4.11 -9.16
N ALA B 263 4.84 4.10 -9.47
CA ALA B 263 5.34 4.84 -10.61
C ALA B 263 4.98 4.21 -11.94
N SER B 264 4.59 4.99 -12.91
CA SER B 264 4.47 4.53 -14.29
C SER B 264 5.26 5.46 -15.20
N MET B 265 5.30 5.09 -16.47
CA MET B 265 6.03 5.93 -17.42
C MET B 265 5.31 7.24 -17.62
N PHE B 266 4.10 7.48 -17.20
CA PHE B 266 3.41 8.76 -17.34
C PHE B 266 3.77 9.66 -16.21
N ASP B 267 4.46 9.27 -15.19
CA ASP B 267 4.84 10.11 -14.06
C ASP B 267 6.13 10.82 -14.37
N ASP B 268 6.18 12.05 -13.86
CA ASP B 268 7.34 12.92 -14.06
C ASP B 268 8.17 13.07 -12.80
N TRP B 269 7.74 12.67 -11.58
CA TRP B 269 8.42 12.98 -10.33
C TRP B 269 9.69 12.23 -10.10
N TRP B 270 9.83 11.04 -10.73
CA TRP B 270 10.97 10.21 -10.52
C TRP B 270 12.14 10.55 -11.51
N LYS B 271 11.86 11.33 -12.50
CA LYS B 271 12.86 11.61 -13.56
C LYS B 271 13.92 12.65 -13.15
MG MG C . -4.96 -8.71 -13.44
MG MG D . -5.81 -13.31 -12.31
P AMP E . -5.55 -10.36 -10.65
O1P AMP E . -5.57 -9.23 -11.55
O2P AMP E . -5.99 -11.73 -11.09
O3P AMP E . -6.36 -9.95 -9.34
O5' AMP E . -4.11 -10.56 -9.99
C5' AMP E . -3.39 -9.37 -9.76
C4' AMP E . -1.87 -9.72 -9.68
O4' AMP E . -1.56 -10.45 -8.44
C3' AMP E . -1.40 -10.69 -10.76
O3' AMP E . -1.20 -9.94 -11.97
C2' AMP E . -0.17 -11.33 -10.18
O2' AMP E . 0.95 -10.45 -10.27
C1' AMP E . -0.57 -11.42 -8.68
N9 AMP E . -1.19 -12.76 -8.40
C8 AMP E . -2.55 -12.96 -8.11
N7 AMP E . -2.74 -14.30 -7.89
C5 AMP E . -1.48 -14.87 -8.03
C6 AMP E . -1.10 -16.20 -7.95
N6 AMP E . -1.99 -17.21 -7.65
N1 AMP E . 0.21 -16.53 -8.15
C2 AMP E . 1.04 -15.49 -8.45
N3 AMP E . 0.79 -14.18 -8.54
C4 AMP E . -0.52 -13.95 -8.36
PA NAD F . -10.19 -3.09 -0.71
O1A NAD F . -9.36 -3.03 -1.92
O2A NAD F . -9.60 -3.41 0.67
O5B NAD F . -10.92 -1.68 -0.68
C5B NAD F . -11.91 -1.36 0.39
C4B NAD F . -11.16 -0.77 1.60
O4B NAD F . -10.78 0.61 1.19
C3B NAD F . -12.14 -0.50 2.71
O3B NAD F . -12.28 -1.67 3.53
C2B NAD F . -11.54 0.73 3.45
O2B NAD F . -10.43 0.26 4.19
C1B NAD F . -11.08 1.52 2.31
N9A NAD F . -12.03 2.47 1.76
C8A NAD F . -13.30 2.26 1.24
N7A NAD F . -13.80 3.38 0.79
C5A NAD F . -12.86 4.40 1.02
C6A NAD F . -12.85 5.74 0.78
N6A NAD F . -13.84 6.42 0.14
N1A NAD F . -11.80 6.43 1.18
C2A NAD F . -10.78 5.73 1.79
N3A NAD F . -10.68 4.44 2.05
C4A NAD F . -11.78 3.80 1.66
O3 NAD F . -11.30 -4.16 -0.84
PN NAD F . -12.58 -4.33 -1.88
O1N NAD F . -12.55 -3.29 -2.92
O2N NAD F . -13.77 -4.42 -1.03
O5D NAD F . -12.24 -5.78 -2.43
C5D NAD F . -11.21 -5.91 -3.44
C4D NAD F . -11.92 -6.23 -4.74
O4D NAD F . -10.94 -6.25 -5.80
C3D NAD F . -12.70 -7.49 -4.85
O3D NAD F . -13.84 -7.23 -5.71
C2D NAD F . -11.69 -8.45 -5.44
O2D NAD F . -12.25 -9.63 -6.05
C1D NAD F . -11.01 -7.51 -6.41
N1N NAD F . -9.65 -7.96 -6.63
C2N NAD F . -9.25 -8.43 -7.79
C3N NAD F . -7.97 -8.89 -7.98
C7N NAD F . -7.61 -9.42 -9.32
O7N NAD F . -8.46 -9.46 -10.30
C4N NAD F . -6.96 -8.92 -6.97
C5N NAD F . -7.35 -8.43 -5.72
C6N NAD F . -8.69 -7.97 -5.64
P1 POP G . -6.15 -11.46 -14.91
O1 POP G . -6.33 -10.09 -14.21
O2 POP G . -6.69 -11.45 -16.30
O3 POP G . -6.63 -12.57 -14.04
O POP G . -4.21 -11.68 -14.93
P2 POP G . -3.46 -11.63 -13.87
O4 POP G . -2.16 -11.97 -14.52
O5 POP G . -3.49 -10.20 -13.35
O6 POP G . -3.91 -12.69 -12.89
C1 GOL H . -4.20 2.78 -10.27
O1 GOL H . -5.32 2.06 -10.61
C2 GOL H . -3.86 2.37 -8.85
O2 GOL H . -3.30 3.57 -8.21
C3 GOL H . -2.66 1.42 -8.91
O3 GOL H . -1.64 2.33 -8.42
MG MG I . 6.44 3.56 17.63
MG MG J . 5.24 6.95 14.45
P AMP K . 5.95 3.82 14.24
O1P AMP K . 5.92 5.16 13.70
O2P AMP K . 6.59 3.48 15.57
O3P AMP K . 6.82 2.95 13.18
O5' AMP K . 4.60 3.02 14.18
C5' AMP K . 3.78 3.34 13.04
C4' AMP K . 2.34 2.97 13.38
O4' AMP K . 2.11 1.52 13.34
C3' AMP K . 1.89 3.37 14.80
O3' AMP K . 1.52 4.71 14.84
C2' AMP K . 0.75 2.38 15.08
O2' AMP K . -0.47 2.84 14.49
C1' AMP K . 1.14 1.09 14.33
N9 AMP K . 1.93 0.20 15.25
C8 AMP K . 3.29 -0.06 15.25
N7 AMP K . 3.57 -0.94 16.22
C5 AMP K . 2.34 -1.25 16.83
C6 AMP K . 2.03 -2.09 17.88
N6 AMP K . 3.00 -2.81 18.54
N1 AMP K . 0.76 -2.20 18.28
C2 AMP K . -0.12 -1.45 17.58
N3 AMP K . 0.05 -0.62 16.57
C4 AMP K . 1.35 -0.57 16.23
PA NAD L . 10.38 -0.21 2.70
O1A NAD L . 9.47 0.73 3.40
O2A NAD L . 9.89 -1.57 2.28
O5B NAD L . 10.72 0.20 1.88
C5B NAD L . 11.99 -0.11 0.67
C4B NAD L . 11.30 -0.75 -0.58
O4B NAD L . 10.80 0.30 -1.43
C3B NAD L . 12.30 -1.50 -1.41
O3B NAD L . 12.55 -2.81 -0.92
C2B NAD L . 11.61 -1.45 -2.81
O2B NAD L . 10.57 -2.43 -2.82
C1B NAD L . 11.00 -0.11 -2.84
N9A NAD L . 11.84 0.92 -3.44
C8A NAD L . 13.11 1.39 -3.02
N7A NAD L . 13.52 2.40 -3.77
C5A NAD L . 12.51 2.64 -4.72
C6A NAD L . 12.35 3.57 -5.73
N6A NAD L . 13.24 4.53 -6.02
N1A NAD L . 11.21 3.55 -6.45
C2A NAD L . 10.31 2.59 -6.12
N3A NAD L . 10.35 1.68 -5.18
C4A NAD L . 11.48 1.72 -4.46
O3 NAD L . 11.59 -0.55 3.64
PN NAD L . 12.76 0.35 4.32
O1N NAD L . 12.62 1.77 3.86
O2N NAD L . 14.09 -0.21 3.85
O5D NAD L . 12.40 0.19 5.78
C5D NAD L . 11.25 0.73 6.42
C4D NAD L . 12.02 1.73 7.31
O4D NAD L . 11.20 2.60 8.03
C3D NAD L . 12.89 1.04 8.35
O3D NAD L . 13.94 2.03 8.47
C2D NAD L . 12.03 1.00 9.59
O2D NAD L . 12.77 1.18 10.82
C1D NAD L . 11.20 2.22 9.36
N1N NAD L . 9.88 1.93 9.84
C2N NAD L . 9.55 2.65 10.92
C3N NAD L . 8.31 2.44 11.49
C7N NAD L . 8.05 3.28 12.70
O7N NAD L . 8.88 4.18 13.18
C4N NAD L . 7.32 1.52 11.09
C5N NAD L . 7.67 0.75 9.96
C6N NAD L . 8.96 1.05 9.43
P1 POP M . 6.46 6.81 17.49
O1 POP M . 6.59 7.01 15.97
O2 POP M . 6.91 8.00 18.27
O3 POP M . 7.05 5.57 17.92
O POP M . 4.85 6.74 17.75
P2 POP M . 3.90 5.55 17.14
O4 POP M . 2.54 5.83 17.84
O5 POP M . 3.83 5.89 15.65
O6 POP M . 4.44 4.24 17.50
C1 GOL N . 1.51 6.86 1.82
O1 GOL N . 1.89 7.12 0.49
C2 GOL N . 1.35 8.09 2.71
O2 GOL N . 2.68 8.78 2.49
C3 GOL N . 1.64 7.67 4.18
O3 GOL N . 0.64 6.85 4.86
#